data_3CRO
#
_entry.id   3CRO
#
_cell.length_a   49.200
_cell.length_b   47.600
_cell.length_c   61.700
_cell.angle_alpha   90.00
_cell.angle_beta   109.50
_cell.angle_gamma   90.00
#
_symmetry.space_group_name_H-M   'P 1 21 1'
#
loop_
_entity.id
_entity.type
_entity.pdbx_description
1 polymer "DNA (5'-D(*AP*AP*GP*TP*AP*CP*AP*AP*AP*CP*TP*TP*TP*CP*TP*TP*G P*TP*AP*T)-3')"
2 polymer "DNA (5'-D(*TP*AP*TP*AP*CP*AP*AP*GP*AP*AP*AP*GP*TP*TP*TP*GP*T P*AP*CP*T)-3')"
3 polymer 'PROTEIN (434 CRO)'
4 water water
#
loop_
_entity_poly.entity_id
_entity_poly.type
_entity_poly.pdbx_seq_one_letter_code
_entity_poly.pdbx_strand_id
1 'polydeoxyribonucleotide' (DA)(DA)(DG)(DT)(DA)(DC)(DA)(DA)(DA)(DC)(DT)(DT)(DT)(DC)(DT)(DT)(DG)(DT)(DA)(DT) A
2 'polydeoxyribonucleotide' (DT)(DA)(DT)(DA)(DC)(DA)(DA)(DG)(DA)(DA)(DA)(DG)(DT)(DT)(DT)(DG)(DT)(DA)(DC)(DT) B
3 'polypeptide(L)' MQTLSERLKKRRIALKMTQTELATKAGVKQQSIQLIEAGVTKRPRFLFEIAMALNCDPVWLQYGTKRGKAA L,R
#
# COMPACT_ATOMS: atom_id res chain seq x y z
N MET C 1 -4.74 1.77 19.71
CA MET C 1 -4.56 0.33 19.70
C MET C 1 -5.63 -0.39 18.94
N GLN C 2 -5.84 0.35 17.90
CA GLN C 2 -6.75 0.18 16.85
C GLN C 2 -6.30 -0.75 15.79
N THR C 3 -7.33 -1.16 15.13
CA THR C 3 -7.30 -2.01 14.02
C THR C 3 -7.36 -1.12 12.81
N LEU C 4 -7.33 -1.69 11.66
CA LEU C 4 -7.41 -0.88 10.49
C LEU C 4 -8.87 -0.73 10.17
N SER C 5 -9.61 -1.76 10.56
CA SER C 5 -11.03 -1.86 10.36
C SER C 5 -11.76 -0.79 11.16
N GLU C 6 -11.16 -0.41 12.30
CA GLU C 6 -11.68 0.62 13.15
C GLU C 6 -11.40 1.99 12.51
N ARG C 7 -10.23 2.15 11.88
CA ARG C 7 -9.94 3.42 11.25
C ARG C 7 -10.78 3.62 10.02
N LEU C 8 -10.98 2.57 9.25
CA LEU C 8 -11.80 2.73 8.07
C LEU C 8 -13.21 3.28 8.40
N LYS C 9 -13.87 2.70 9.46
CA LYS C 9 -15.24 3.07 9.90
C LYS C 9 -15.42 4.48 10.37
N LYS C 10 -14.60 4.83 11.34
CA LYS C 10 -14.56 6.13 11.94
C LYS C 10 -14.37 7.21 10.88
N ARG C 11 -13.46 6.91 9.96
CA ARG C 11 -13.17 7.79 8.88
C ARG C 11 -14.33 7.85 7.90
N ARG C 12 -14.69 6.71 7.34
CA ARG C 12 -15.79 6.64 6.38
C ARG C 12 -17.11 7.15 6.99
N ILE C 13 -17.24 7.02 8.31
CA ILE C 13 -18.45 7.45 9.00
C ILE C 13 -18.39 8.96 9.21
N ALA C 14 -17.20 9.44 9.51
CA ALA C 14 -17.00 10.86 9.71
C ALA C 14 -17.07 11.66 8.40
N LEU C 15 -16.76 11.05 7.28
CA LEU C 15 -16.90 11.80 6.05
C LEU C 15 -18.31 11.58 5.60
N LYS C 16 -19.12 11.09 6.56
CA LYS C 16 -20.52 10.75 6.35
C LYS C 16 -20.69 10.03 5.03
N MET C 17 -19.99 8.91 4.90
CA MET C 17 -20.05 8.15 3.67
C MET C 17 -20.53 6.75 3.91
N THR C 18 -21.35 6.33 2.97
CA THR C 18 -21.91 5.02 2.91
C THR C 18 -20.73 4.14 2.55
N GLN C 19 -20.92 2.84 2.53
CA GLN C 19 -19.85 1.94 2.15
C GLN C 19 -19.77 1.85 0.64
N THR C 20 -20.80 2.37 -0.03
CA THR C 20 -20.89 2.33 -1.48
C THR C 20 -20.43 3.65 -2.11
N GLU C 21 -20.46 4.72 -1.32
CA GLU C 21 -19.96 5.93 -1.85
C GLU C 21 -18.50 5.70 -1.68
N LEU C 22 -17.99 5.49 -0.45
CA LEU C 22 -16.58 5.19 -0.32
C LEU C 22 -16.14 4.09 -1.28
N ALA C 23 -16.74 2.90 -1.25
CA ALA C 23 -16.36 1.80 -2.14
C ALA C 23 -16.15 2.28 -3.55
N THR C 24 -16.91 3.30 -3.89
CA THR C 24 -16.85 3.84 -5.21
C THR C 24 -16.14 5.15 -5.44
N LYS C 25 -15.82 5.88 -4.38
CA LYS C 25 -15.07 7.09 -4.54
C LYS C 25 -13.79 6.45 -5.01
N ALA C 26 -13.46 5.36 -4.32
CA ALA C 26 -12.26 4.57 -4.57
C ALA C 26 -12.30 3.47 -5.62
N GLY C 27 -13.32 3.41 -6.48
CA GLY C 27 -13.34 2.36 -7.51
C GLY C 27 -13.34 0.92 -6.98
N VAL C 28 -13.85 0.69 -5.80
CA VAL C 28 -13.89 -0.67 -5.36
C VAL C 28 -15.32 -1.19 -5.46
N LYS C 29 -15.57 -2.37 -4.94
CA LYS C 29 -16.89 -2.94 -4.92
C LYS C 29 -17.25 -2.70 -3.48
N GLN C 30 -18.49 -2.56 -3.12
CA GLN C 30 -18.74 -2.30 -1.73
C GLN C 30 -18.28 -3.45 -0.85
N GLN C 31 -18.32 -4.66 -1.41
CA GLN C 31 -17.99 -5.88 -0.69
C GLN C 31 -16.57 -6.04 -0.15
N SER C 32 -15.69 -5.21 -0.71
CA SER C 32 -14.27 -5.06 -0.46
C SER C 32 -13.96 -4.14 0.69
N ILE C 33 -14.88 -3.21 0.91
CA ILE C 33 -14.74 -2.25 1.98
C ILE C 33 -15.29 -2.86 3.19
N GLN C 34 -16.26 -3.69 2.92
CA GLN C 34 -16.90 -4.34 4.00
C GLN C 34 -15.89 -5.20 4.76
N LEU C 35 -15.23 -6.10 4.02
CA LEU C 35 -14.22 -7.03 4.51
C LEU C 35 -13.14 -6.37 5.35
N ILE C 36 -12.59 -5.26 4.85
CA ILE C 36 -11.59 -4.51 5.59
C ILE C 36 -12.18 -4.10 6.92
N GLU C 37 -13.43 -3.68 6.84
CA GLU C 37 -14.15 -3.21 7.99
C GLU C 37 -14.51 -4.33 8.95
N ALA C 38 -14.67 -5.52 8.38
CA ALA C 38 -15.04 -6.74 9.09
C ALA C 38 -13.94 -7.30 9.95
N GLY C 39 -12.72 -6.82 9.69
CA GLY C 39 -11.52 -7.28 10.37
C GLY C 39 -11.02 -8.40 9.49
N VAL C 40 -11.76 -8.62 8.44
CA VAL C 40 -11.41 -9.68 7.55
C VAL C 40 -10.16 -9.51 6.69
N THR C 41 -10.10 -8.42 5.92
CA THR C 41 -8.97 -8.08 5.05
C THR C 41 -7.96 -7.26 5.87
N LYS C 42 -6.67 -7.64 5.87
CA LYS C 42 -5.70 -6.88 6.66
C LYS C 42 -4.64 -6.03 5.95
N ARG C 43 -4.44 -6.22 4.65
CA ARG C 43 -3.47 -5.46 3.86
C ARG C 43 -4.12 -5.30 2.52
N PRO C 44 -5.15 -4.46 2.53
CA PRO C 44 -5.90 -4.17 1.34
C PRO C 44 -4.88 -3.73 0.35
N ARG C 45 -5.12 -4.09 -0.88
CA ARG C 45 -4.18 -3.73 -1.89
C ARG C 45 -4.57 -2.40 -2.49
N PHE C 46 -5.80 -1.99 -2.19
CA PHE C 46 -6.28 -0.71 -2.65
C PHE C 46 -6.18 0.30 -1.51
N LEU C 47 -5.26 0.05 -0.57
CA LEU C 47 -5.00 0.90 0.57
C LEU C 47 -4.60 2.31 0.17
N PHE C 48 -4.21 2.53 -1.07
CA PHE C 48 -3.84 3.89 -1.40
C PHE C 48 -4.99 4.48 -2.17
N GLU C 49 -5.56 3.69 -3.05
CA GLU C 49 -6.66 4.20 -3.82
C GLU C 49 -7.85 4.65 -2.94
N ILE C 50 -8.07 3.97 -1.79
CA ILE C 50 -9.10 4.21 -0.77
C ILE C 50 -8.74 5.34 0.20
N ALA C 51 -7.45 5.55 0.44
CA ALA C 51 -7.10 6.62 1.36
C ALA C 51 -7.37 7.95 0.68
N MET C 52 -7.22 7.92 -0.63
CA MET C 52 -7.48 9.07 -1.45
C MET C 52 -8.92 9.41 -1.20
N ALA C 53 -9.74 8.38 -1.36
CA ALA C 53 -11.15 8.57 -1.13
C ALA C 53 -11.40 9.08 0.26
N LEU C 54 -10.80 8.48 1.27
CA LEU C 54 -11.04 9.01 2.62
C LEU C 54 -10.22 10.26 2.84
N ASN C 55 -9.40 10.62 1.86
CA ASN C 55 -8.52 11.78 2.00
C ASN C 55 -7.69 11.63 3.27
N CYS C 56 -7.02 10.51 3.51
CA CYS C 56 -6.23 10.43 4.75
C CYS C 56 -4.85 9.91 4.45
N ASP C 57 -3.95 10.00 5.42
CA ASP C 57 -2.64 9.47 5.12
C ASP C 57 -2.72 7.94 5.02
N PRO C 58 -2.25 7.38 3.90
CA PRO C 58 -2.29 5.95 3.71
C PRO C 58 -1.63 5.23 4.86
N VAL C 59 -0.50 5.72 5.27
CA VAL C 59 0.23 5.16 6.36
C VAL C 59 -0.56 5.16 7.68
N TRP C 60 -1.45 6.14 7.89
CA TRP C 60 -2.23 6.18 9.13
C TRP C 60 -3.34 5.13 9.14
N LEU C 61 -4.04 5.02 8.02
CA LEU C 61 -5.10 4.07 7.88
C LEU C 61 -4.46 2.74 8.19
N GLN C 62 -3.54 2.40 7.34
CA GLN C 62 -2.82 1.17 7.44
C GLN C 62 -2.20 0.79 8.80
N TYR C 63 -1.45 1.71 9.39
CA TYR C 63 -0.71 1.55 10.65
C TYR C 63 -1.28 2.58 11.64
N GLY C 64 -1.14 2.55 12.95
CA GLY C 64 -1.83 3.67 13.65
C GLY C 64 -1.02 4.94 13.96
N THR C 65 -1.36 5.59 15.07
CA THR C 65 -0.63 6.77 15.50
C THR C 65 0.35 6.35 16.61
N LYS C 66 1.05 7.30 17.24
CA LYS C 66 2.01 6.96 18.29
C LYS C 66 2.01 8.03 19.38
N MET D 1 10.96 7.66 -15.96
CA MET D 1 10.69 6.60 -15.01
C MET D 1 9.59 5.67 -15.47
N GLN D 2 8.34 5.96 -15.08
CA GLN D 2 7.14 5.21 -15.39
C GLN D 2 6.73 4.36 -14.24
N THR D 3 6.52 3.16 -14.70
CA THR D 3 6.14 2.02 -13.95
C THR D 3 6.91 1.94 -12.65
N LEU D 4 6.33 1.15 -11.75
CA LEU D 4 6.83 0.87 -10.42
C LEU D 4 8.18 0.20 -10.56
N SER D 5 8.25 -0.61 -11.60
CA SER D 5 9.43 -1.33 -11.91
C SER D 5 10.58 -0.37 -12.14
N GLU D 6 10.45 0.50 -13.14
CA GLU D 6 11.46 1.50 -13.46
C GLU D 6 11.94 2.21 -12.21
N ARG D 7 10.99 2.66 -11.39
CA ARG D 7 11.31 3.37 -10.17
C ARG D 7 12.03 2.51 -9.13
N LEU D 8 11.70 1.21 -9.07
CA LEU D 8 12.29 0.27 -8.11
C LEU D 8 13.73 -0.12 -8.40
N LYS D 9 14.01 -0.38 -9.67
CA LYS D 9 15.34 -0.75 -10.02
C LYS D 9 16.19 0.41 -9.64
N LYS D 10 16.22 1.39 -10.57
CA LYS D 10 16.96 2.65 -10.51
C LYS D 10 17.43 2.90 -9.11
N ARG D 11 16.47 3.06 -8.25
CA ARG D 11 16.79 3.29 -6.88
C ARG D 11 17.50 2.16 -6.09
N ARG D 12 17.29 0.89 -6.40
CA ARG D 12 17.94 -0.21 -5.68
C ARG D 12 19.43 -0.06 -5.76
N ILE D 13 19.78 -0.21 -7.00
CA ILE D 13 21.08 -0.14 -7.62
C ILE D 13 21.84 1.08 -7.28
N ALA D 14 21.10 2.15 -7.47
CA ALA D 14 21.59 3.45 -7.22
C ALA D 14 21.82 3.53 -5.74
N LEU D 15 21.16 2.64 -5.01
CA LEU D 15 21.32 2.60 -3.58
C LEU D 15 22.46 1.62 -3.37
N LYS D 16 22.67 0.86 -4.45
CA LYS D 16 23.65 -0.21 -4.60
C LYS D 16 23.46 -1.40 -3.69
N MET D 17 22.46 -2.18 -4.10
CA MET D 17 22.00 -3.42 -3.51
C MET D 17 21.57 -4.28 -4.66
N THR D 18 21.19 -5.48 -4.29
CA THR D 18 20.77 -6.53 -5.16
C THR D 18 19.43 -6.97 -4.66
N GLN D 19 18.67 -7.65 -5.55
CA GLN D 19 17.38 -8.20 -5.25
C GLN D 19 17.57 -8.81 -3.90
N THR D 20 18.21 -9.98 -3.80
CA THR D 20 18.50 -10.59 -2.50
C THR D 20 18.99 -9.64 -1.41
N GLU D 21 19.53 -8.49 -1.75
CA GLU D 21 19.94 -7.71 -0.60
C GLU D 21 18.87 -6.87 -0.03
N LEU D 22 18.10 -6.35 -0.95
CA LEU D 22 16.97 -5.53 -0.69
C LEU D 22 16.02 -6.40 0.07
N ALA D 23 15.42 -7.31 -0.72
CA ALA D 23 14.48 -8.32 -0.31
C ALA D 23 14.79 -8.86 1.05
N THR D 24 16.06 -8.90 1.40
CA THR D 24 16.39 -9.43 2.70
C THR D 24 16.17 -8.40 3.79
N LYS D 25 16.22 -7.10 3.41
CA LYS D 25 15.99 -5.99 4.33
C LYS D 25 14.53 -5.57 4.29
N ALA D 26 13.97 -5.53 3.07
CA ALA D 26 12.56 -5.31 2.92
C ALA D 26 12.11 -6.57 3.63
N GLY D 27 12.97 -7.59 3.55
CA GLY D 27 12.76 -8.81 4.27
C GLY D 27 11.60 -9.59 3.75
N VAL D 28 11.56 -9.69 2.43
CA VAL D 28 10.57 -10.42 1.67
C VAL D 28 11.38 -11.42 0.85
N LYS D 29 10.88 -11.95 -0.25
CA LYS D 29 11.71 -12.90 -0.97
C LYS D 29 12.31 -12.25 -2.17
N GLN D 30 13.63 -12.47 -2.40
CA GLN D 30 14.36 -11.94 -3.55
C GLN D 30 13.44 -11.94 -4.74
N GLN D 31 12.69 -13.06 -4.77
CA GLN D 31 11.68 -13.40 -5.75
C GLN D 31 10.50 -12.43 -5.79
N SER D 32 9.99 -11.97 -4.64
CA SER D 32 8.86 -11.05 -4.66
C SER D 32 9.21 -9.81 -5.48
N ILE D 33 10.46 -9.37 -5.26
CA ILE D 33 11.13 -8.23 -5.89
C ILE D 33 11.47 -8.47 -7.34
N GLN D 34 11.79 -9.70 -7.68
CA GLN D 34 12.07 -9.98 -9.05
C GLN D 34 10.78 -9.66 -9.80
N LEU D 35 9.69 -10.33 -9.43
CA LEU D 35 8.38 -10.10 -10.04
C LEU D 35 8.01 -8.62 -10.11
N ILE D 36 8.37 -7.82 -9.10
CA ILE D 36 8.00 -6.41 -9.22
C ILE D 36 8.75 -5.71 -10.33
N GLU D 37 10.07 -5.63 -10.20
CA GLU D 37 10.89 -4.99 -11.21
C GLU D 37 10.59 -5.59 -12.57
N ALA D 38 10.24 -6.85 -12.54
CA ALA D 38 9.94 -7.56 -13.76
C ALA D 38 8.69 -7.08 -14.42
N GLY D 39 8.01 -6.22 -13.67
CA GLY D 39 6.73 -5.64 -14.03
C GLY D 39 5.66 -6.71 -13.98
N VAL D 40 5.49 -7.38 -12.84
CA VAL D 40 4.44 -8.41 -12.77
C VAL D 40 3.65 -8.23 -11.52
N THR D 41 4.22 -7.46 -10.67
CA THR D 41 3.54 -7.22 -9.48
C THR D 41 3.26 -5.78 -9.51
N LYS D 42 1.99 -5.52 -9.78
CA LYS D 42 1.50 -4.19 -9.95
C LYS D 42 1.15 -3.49 -8.69
N ARG D 43 1.11 -4.21 -7.58
CA ARG D 43 0.72 -3.58 -6.35
C ARG D 43 1.15 -4.33 -5.08
N PRO D 44 2.46 -4.45 -4.84
CA PRO D 44 3.06 -5.10 -3.67
C PRO D 44 2.25 -4.94 -2.41
N ARG D 45 2.46 -5.86 -1.48
CA ARG D 45 1.82 -5.88 -0.19
C ARG D 45 2.85 -5.42 0.83
N PHE D 46 4.14 -5.66 0.46
CA PHE D 46 5.32 -5.25 1.24
C PHE D 46 5.94 -3.91 0.91
N LEU D 47 5.22 -3.20 0.05
CA LEU D 47 5.55 -1.87 -0.39
C LEU D 47 5.94 -0.89 0.71
N PHE D 48 5.38 -0.95 1.90
CA PHE D 48 5.87 0.04 2.86
C PHE D 48 7.18 -0.46 3.34
N GLU D 49 7.31 -1.76 3.24
CA GLU D 49 8.46 -2.49 3.68
C GLU D 49 9.58 -2.43 2.62
N ILE D 50 9.27 -2.73 1.33
CA ILE D 50 10.23 -2.63 0.25
C ILE D 50 10.74 -1.21 0.36
N ALA D 51 10.00 -0.29 -0.20
CA ALA D 51 10.22 1.15 -0.15
C ALA D 51 10.85 1.67 1.11
N MET D 52 10.75 0.91 2.18
CA MET D 52 11.32 1.42 3.40
C MET D 52 12.73 0.94 3.64
N ALA D 53 13.12 0.00 2.78
CA ALA D 53 14.46 -0.52 2.79
C ALA D 53 15.21 0.43 1.89
N LEU D 54 14.63 0.64 0.70
CA LEU D 54 15.14 1.56 -0.29
C LEU D 54 15.18 2.93 0.36
N ASN D 55 14.34 3.10 1.39
CA ASN D 55 14.32 4.34 2.14
C ASN D 55 13.73 5.56 1.46
N CYS D 56 12.42 5.51 1.19
CA CYS D 56 11.73 6.60 0.56
C CYS D 56 10.27 6.65 0.92
N ASP D 57 9.56 7.08 -0.08
CA ASP D 57 8.16 7.21 0.07
C ASP D 57 7.23 6.39 -0.78
N PRO D 58 6.51 5.56 -0.05
CA PRO D 58 5.51 4.65 -0.51
C PRO D 58 4.67 5.25 -1.60
N VAL D 59 4.17 6.47 -1.35
CA VAL D 59 3.40 7.13 -2.38
C VAL D 59 4.37 7.27 -3.52
N TRP D 60 5.48 7.93 -3.19
CA TRP D 60 6.52 8.14 -4.17
C TRP D 60 6.95 6.85 -4.87
N LEU D 61 7.11 5.81 -4.11
CA LEU D 61 7.52 4.56 -4.65
C LEU D 61 6.38 4.02 -5.51
N GLN D 62 5.19 3.91 -4.94
CA GLN D 62 4.00 3.40 -5.64
C GLN D 62 3.77 4.17 -6.93
N TYR D 63 3.54 5.47 -6.76
CA TYR D 63 3.31 6.42 -7.83
C TYR D 63 4.39 7.49 -7.72
N GLY D 64 4.02 8.76 -7.82
CA GLY D 64 4.99 9.84 -7.70
C GLY D 64 4.26 11.14 -7.41
#